data_6KX5
#
_entry.id   6KX5
#
_cell.length_a   44.410
_cell.length_b   54.400
_cell.length_c   61.420
_cell.angle_alpha   63.900
_cell.angle_beta   88.990
_cell.angle_gamma   83.650
#
_symmetry.space_group_name_H-M   'P 1'
#
loop_
_entity.id
_entity.type
_entity.pdbx_description
1 polymer Cryptochrome-1
2 non-polymer 2-carbazol-9-yl-N-(2-chloranyl-6-cyano-phenyl)ethanamide
3 water water
#
_entity_poly.entity_id   1
_entity_poly.type   'polypeptide(L)'
_entity_poly.pdbx_seq_one_letter_code
;GTMGVNAVHWFRKGLRLHDNPALKECIQGADTIRCVYILDPWFAGSSNVGINRWRFLLQCLEDLDANLRKLNSRLFVIRG
QPADVFPRLFKEWNITKLSIEYDSEPFGKERDAAIKKLATEAGVEVIVRISHTLYDLDKIIELNGGQPPLTYKRFQTLVS
KMEPLEMPADTITSDVIGKCMTPLSDDHDEKYGVPSLEELGFDTDGLSSAVWPGGETEALTRLERHLERKAWVANFERPR
MNANSLLASPTGLSPYLRFGCLSCRLFYFKLTDLYKKVKKNSSPPLSLYGQLLWREFFYTAATNNPRFDKMEGNPICVQI
PWDKNPEALAKWAEGRTGFPWIDAIMTQLRQEGWIHHLARHAVACFLTRGDLWISWEEGMKVFEELLLDADWSINAGSWM
WLSCSSFFQQFFHCYCPVGFGRRTDPNGDYIRRYLPVLRGFPAKYIYDPWNAPEGIQKVAKCLIGVNYPKPMVNHAEASR
LNIERMKQIYQQLSRYRG
;
_entity_poly.pdbx_strand_id   A
#
loop_
_chem_comp.id
_chem_comp.type
_chem_comp.name
_chem_comp.formula
DYR non-polymer 2-carbazol-9-yl-N-(2-chloranyl-6-cyano-phenyl)ethanamide 'C21 H14 Cl N3 O'
#
# COMPACT_ATOMS: atom_id res chain seq x y z
N GLY A 4 -12.25 20.21 -33.07
CA GLY A 4 -11.53 18.95 -33.01
C GLY A 4 -10.82 18.78 -31.67
N VAL A 5 -11.28 17.81 -30.88
CA VAL A 5 -10.78 17.61 -29.53
C VAL A 5 -10.21 16.21 -29.43
N ASN A 6 -8.89 16.12 -29.25
CA ASN A 6 -8.20 14.85 -29.09
C ASN A 6 -7.65 14.77 -27.66
N ALA A 7 -8.06 13.73 -26.94
CA ALA A 7 -7.83 13.65 -25.51
C ALA A 7 -6.97 12.45 -25.14
N VAL A 8 -6.20 12.60 -24.06
CA VAL A 8 -5.41 11.52 -23.46
C VAL A 8 -5.73 11.48 -21.97
N HIS A 9 -6.04 10.29 -21.46
CA HIS A 9 -6.14 10.08 -20.03
C HIS A 9 -4.94 9.26 -19.57
N TRP A 10 -4.24 9.77 -18.58
CA TRP A 10 -2.99 9.18 -18.11
C TRP A 10 -3.27 8.43 -16.80
N PHE A 11 -3.23 7.09 -16.87
CA PHE A 11 -3.38 6.22 -15.70
C PHE A 11 -2.06 6.17 -14.90
N ARG A 12 -2.17 6.34 -13.57
CA ARG A 12 -1.04 6.09 -12.69
C ARG A 12 -1.55 5.25 -11.52
N LYS A 13 -2.21 5.90 -10.57
CA LYS A 13 -3.17 5.19 -9.72
C LYS A 13 -4.52 5.19 -10.44
N GLY A 14 -5.60 5.02 -9.69
CA GLY A 14 -6.92 5.03 -10.30
C GLY A 14 -7.06 4.08 -11.48
N LEU A 15 -6.54 2.87 -11.34
CA LEU A 15 -6.54 1.86 -12.42
C LEU A 15 -7.91 1.16 -12.47
N ARG A 16 -8.90 1.88 -12.99
CA ARG A 16 -10.28 1.41 -12.97
C ARG A 16 -11.11 2.24 -13.94
N LEU A 17 -12.23 1.65 -14.37
CA LEU A 17 -13.22 2.39 -15.15
C LEU A 17 -14.36 2.94 -14.29
N HIS A 18 -14.62 2.35 -13.12
CA HIS A 18 -15.62 2.89 -12.22
C HIS A 18 -15.04 4.07 -11.44
N ASP A 19 -15.94 4.94 -10.96
CA ASP A 19 -15.63 6.18 -10.26
C ASP A 19 -14.31 6.82 -10.70
N ASN A 20 -14.25 7.27 -11.95
CA ASN A 20 -13.04 7.88 -12.50
C ASN A 20 -13.44 9.23 -13.06
N PRO A 21 -13.62 10.24 -12.21
CA PRO A 21 -14.12 11.53 -12.69
C PRO A 21 -13.20 12.17 -13.72
N ALA A 22 -11.88 12.01 -13.59
CA ALA A 22 -10.95 12.58 -14.57
C ALA A 22 -11.15 11.96 -15.95
N LEU A 23 -11.25 10.62 -16.03
CA LEU A 23 -11.46 10.00 -17.34
C LEU A 23 -12.83 10.38 -17.90
N LYS A 24 -13.86 10.34 -17.05
CA LYS A 24 -15.20 10.70 -17.48
C LYS A 24 -15.24 12.11 -18.06
N GLU A 25 -14.65 13.07 -17.34
CA GLU A 25 -14.66 14.45 -17.81
C GLU A 25 -13.86 14.61 -19.10
N CYS A 26 -12.71 13.94 -19.20
CA CYS A 26 -11.92 13.99 -20.43
C CYS A 26 -12.74 13.54 -21.65
N ILE A 27 -13.60 12.54 -21.46
CA ILE A 27 -14.29 11.92 -22.60
C ILE A 27 -15.37 12.83 -23.18
N GLN A 28 -16.02 13.64 -22.34
CA GLN A 28 -17.12 14.48 -22.81
C GLN A 28 -16.63 15.53 -23.80
N GLY A 29 -17.35 15.67 -24.92
CA GLY A 29 -16.98 16.62 -25.94
C GLY A 29 -15.76 16.26 -26.76
N ALA A 30 -15.09 15.15 -26.47
CA ALA A 30 -13.91 14.76 -27.22
C ALA A 30 -14.29 14.01 -28.49
N ASP A 31 -13.42 14.12 -29.50
CA ASP A 31 -13.60 13.32 -30.72
C ASP A 31 -12.84 11.99 -30.65
N THR A 32 -11.64 11.99 -30.07
CA THR A 32 -10.87 10.77 -29.85
C THR A 32 -10.37 10.74 -28.41
N ILE A 33 -10.07 9.54 -27.93
CA ILE A 33 -9.49 9.36 -26.60
C ILE A 33 -8.51 8.20 -26.65
N ARG A 34 -7.42 8.33 -25.89
CA ARG A 34 -6.48 7.24 -25.69
C ARG A 34 -6.09 7.23 -24.23
N CYS A 35 -6.16 6.07 -23.59
CA CYS A 35 -5.75 5.91 -22.21
C CYS A 35 -4.36 5.32 -22.16
N VAL A 36 -3.45 5.99 -21.46
CA VAL A 36 -2.03 5.62 -21.47
C VAL A 36 -1.56 5.29 -20.06
N TYR A 37 -0.66 4.33 -19.98
CA TYR A 37 0.06 4.03 -18.76
C TYR A 37 1.53 4.10 -19.14
N ILE A 38 2.33 4.75 -18.32
CA ILE A 38 3.73 5.00 -18.65
C ILE A 38 4.62 4.31 -17.61
N LEU A 39 5.52 3.47 -18.11
CA LEU A 39 6.34 2.61 -17.28
C LEU A 39 7.68 2.44 -17.96
N ASP A 40 8.78 2.48 -17.22
CA ASP A 40 10.08 2.33 -17.87
C ASP A 40 10.78 1.04 -17.45
N PRO A 41 10.98 0.07 -18.35
CA PRO A 41 11.73 -1.16 -18.08
C PRO A 41 13.24 -0.97 -18.23
N ASN A 48 13.10 0.18 -6.26
CA ASN A 48 12.91 -0.59 -5.03
C ASN A 48 11.52 -1.25 -5.01
N VAL A 49 11.26 -2.11 -6.00
CA VAL A 49 9.98 -2.78 -6.14
C VAL A 49 10.25 -4.26 -6.41
N GLY A 50 9.66 -5.13 -5.57
CA GLY A 50 9.83 -6.57 -5.69
C GLY A 50 8.86 -7.20 -6.69
N ILE A 51 9.02 -8.51 -6.87
CA ILE A 51 8.30 -9.18 -7.95
C ILE A 51 6.80 -9.21 -7.70
N ASN A 52 6.37 -9.30 -6.42
CA ASN A 52 4.94 -9.33 -6.13
C ASN A 52 4.25 -8.01 -6.49
N ARG A 53 4.90 -6.88 -6.22
CA ARG A 53 4.31 -5.59 -6.57
C ARG A 53 4.23 -5.41 -8.08
N TRP A 54 5.29 -5.79 -8.80
CA TRP A 54 5.28 -5.69 -10.26
C TRP A 54 4.24 -6.61 -10.87
N ARG A 55 4.10 -7.82 -10.33
CA ARG A 55 3.10 -8.74 -10.86
C ARG A 55 1.70 -8.19 -10.65
N PHE A 56 1.45 -7.60 -9.48
CA PHE A 56 0.14 -7.00 -9.24
C PHE A 56 -0.14 -5.89 -10.25
N LEU A 57 0.85 -5.01 -10.45
CA LEU A 57 0.65 -3.89 -11.39
C LEU A 57 0.34 -4.40 -12.79
N LEU A 58 1.13 -5.36 -13.27
CA LEU A 58 0.92 -5.89 -14.61
C LEU A 58 -0.45 -6.55 -14.75
N GLN A 59 -0.91 -7.27 -13.72
CA GLN A 59 -2.26 -7.84 -13.76
C GLN A 59 -3.34 -6.75 -13.77
N CYS A 60 -3.12 -5.63 -13.05
CA CYS A 60 -4.04 -4.49 -13.14
C CYS A 60 -4.12 -3.93 -14.56
N LEU A 61 -2.96 -3.76 -15.19
CA LEU A 61 -2.93 -3.23 -16.55
C LEU A 61 -3.54 -4.22 -17.53
N GLU A 62 -3.36 -5.53 -17.32
CA GLU A 62 -4.00 -6.50 -18.19
C GLU A 62 -5.51 -6.42 -18.06
N ASP A 63 -6.01 -6.24 -16.84
CA ASP A 63 -7.44 -6.13 -16.62
C ASP A 63 -8.01 -4.85 -17.25
N LEU A 64 -7.31 -3.71 -17.07
CA LEU A 64 -7.72 -2.47 -17.73
C LEU A 64 -7.80 -2.64 -19.23
N ASP A 65 -6.76 -3.21 -19.85
CA ASP A 65 -6.77 -3.39 -21.31
C ASP A 65 -7.92 -4.28 -21.75
N ALA A 66 -8.21 -5.34 -20.99
CA ALA A 66 -9.35 -6.21 -21.30
C ALA A 66 -10.66 -5.46 -21.22
N ASN A 67 -10.83 -4.61 -20.20
CA ASN A 67 -12.09 -3.90 -20.03
C ASN A 67 -12.23 -2.76 -21.03
N LEU A 68 -11.11 -2.12 -21.40
CA LEU A 68 -11.17 -1.15 -22.50
C LEU A 68 -11.51 -1.84 -23.83
N ARG A 69 -10.99 -3.06 -24.04
CA ARG A 69 -11.32 -3.78 -25.27
C ARG A 69 -12.83 -3.97 -25.42
N LYS A 70 -13.53 -4.23 -24.31
CA LYS A 70 -14.98 -4.36 -24.38
C LYS A 70 -15.65 -3.09 -24.88
N LEU A 71 -14.95 -1.96 -24.83
CA LEU A 71 -15.47 -0.65 -25.22
C LEU A 71 -14.94 -0.21 -26.58
N ASN A 72 -14.39 -1.15 -27.37
CA ASN A 72 -13.76 -0.86 -28.66
C ASN A 72 -12.57 0.09 -28.53
N SER A 73 -11.83 -0.03 -27.42
CA SER A 73 -10.67 0.80 -27.11
C SER A 73 -9.52 -0.12 -26.70
N ARG A 74 -8.40 0.48 -26.28
CA ARG A 74 -7.25 -0.27 -25.79
C ARG A 74 -6.53 0.55 -24.72
N LEU A 75 -5.79 -0.13 -23.86
CA LEU A 75 -4.78 0.54 -23.05
C LEU A 75 -3.52 0.70 -23.88
N PHE A 76 -2.92 1.90 -23.83
CA PHE A 76 -1.61 2.16 -24.43
C PHE A 76 -0.58 2.13 -23.30
N VAL A 77 0.35 1.17 -23.33
CA VAL A 77 1.47 1.15 -22.39
C VAL A 77 2.70 1.67 -23.11
N ILE A 78 3.25 2.78 -22.62
CA ILE A 78 4.40 3.42 -23.24
C ILE A 78 5.60 3.23 -22.33
N ARG A 79 6.68 2.71 -22.88
CA ARG A 79 7.90 2.47 -22.12
C ARG A 79 8.77 3.72 -22.16
N GLY A 80 9.08 4.28 -20.99
CA GLY A 80 9.89 5.48 -20.92
C GLY A 80 9.52 6.31 -19.71
N GLN A 81 10.01 7.56 -19.71
CA GLN A 81 9.78 8.58 -18.71
C GLN A 81 8.78 9.61 -19.21
N PRO A 82 7.84 10.04 -18.35
CA PRO A 82 6.78 10.94 -18.83
C PRO A 82 7.29 12.23 -19.47
N ALA A 83 8.30 12.87 -18.90
CA ALA A 83 8.81 14.11 -19.49
C ALA A 83 9.51 13.84 -20.82
N ASP A 84 10.05 12.64 -21.01
CA ASP A 84 10.71 12.30 -22.27
C ASP A 84 9.74 11.84 -23.37
N VAL A 85 8.56 11.30 -23.03
CA VAL A 85 7.71 10.72 -24.08
C VAL A 85 6.54 11.62 -24.49
N PHE A 86 5.99 12.37 -23.52
CA PHE A 86 4.78 13.17 -23.76
C PHE A 86 4.93 14.26 -24.81
N PRO A 87 6.00 15.06 -24.85
CA PRO A 87 6.08 16.15 -25.86
C PRO A 87 5.82 15.69 -27.28
N ARG A 88 6.49 14.61 -27.72
CA ARG A 88 6.25 14.10 -29.06
C ARG A 88 4.88 13.43 -29.19
N LEU A 89 4.38 12.80 -28.10
CA LEU A 89 3.06 12.21 -28.14
C LEU A 89 1.99 13.27 -28.38
N PHE A 90 2.07 14.39 -27.64
CA PHE A 90 1.13 15.49 -27.85
C PHE A 90 1.13 15.89 -29.32
N LYS A 91 2.32 15.93 -29.91
CA LYS A 91 2.44 16.40 -31.28
C LYS A 91 1.86 15.38 -32.26
N GLU A 92 2.24 14.11 -32.12
CA GLU A 92 1.82 13.06 -33.05
C GLU A 92 0.31 12.93 -33.09
N TRP A 93 -0.31 12.89 -31.92
CA TRP A 93 -1.74 12.66 -31.80
C TRP A 93 -2.56 13.94 -31.82
N ASN A 94 -1.94 15.10 -32.02
CA ASN A 94 -2.67 16.39 -32.04
C ASN A 94 -3.49 16.57 -30.76
N ILE A 95 -2.89 16.29 -29.61
CA ILE A 95 -3.61 16.27 -28.35
C ILE A 95 -3.98 17.69 -27.94
N THR A 96 -5.19 17.86 -27.39
CA THR A 96 -5.62 19.13 -26.85
C THR A 96 -6.04 19.06 -25.39
N LYS A 97 -6.29 17.86 -24.86
CA LYS A 97 -6.70 17.69 -23.47
C LYS A 97 -5.95 16.52 -22.87
N LEU A 98 -5.43 16.70 -21.65
CA LEU A 98 -4.82 15.62 -20.88
C LEU A 98 -5.46 15.58 -19.49
N SER A 99 -5.95 14.42 -19.07
CA SER A 99 -6.60 14.26 -17.77
C SER A 99 -5.78 13.36 -16.86
N ILE A 100 -5.78 13.66 -15.57
CA ILE A 100 -5.15 12.82 -14.56
C ILE A 100 -5.99 12.83 -13.29
N GLU A 101 -5.96 11.70 -12.58
CA GLU A 101 -6.39 11.69 -11.21
C GLU A 101 -5.30 12.34 -10.37
N TYR A 102 -5.71 13.22 -9.46
CA TYR A 102 -4.78 14.00 -8.65
C TYR A 102 -3.95 13.10 -7.73
N ASP A 103 -2.66 13.42 -7.61
CA ASP A 103 -1.73 12.72 -6.72
C ASP A 103 -1.24 13.70 -5.64
N SER A 104 -1.70 13.50 -4.41
CA SER A 104 -1.30 14.36 -3.28
C SER A 104 0.15 14.16 -2.84
N GLU A 105 0.77 13.04 -3.22
CA GLU A 105 2.08 12.72 -2.63
C GLU A 105 3.14 13.65 -3.22
N PRO A 106 4.12 14.08 -2.41
CA PRO A 106 5.03 15.16 -2.87
C PRO A 106 5.80 14.85 -4.14
N PHE A 107 6.32 13.63 -4.31
CA PHE A 107 7.07 13.31 -5.53
C PHE A 107 6.16 13.28 -6.76
N GLY A 108 4.91 12.85 -6.59
CA GLY A 108 3.99 12.86 -7.72
C GLY A 108 3.53 14.26 -8.07
N LYS A 109 3.35 15.12 -7.05
CA LYS A 109 3.11 16.53 -7.28
C LYS A 109 4.20 17.15 -8.14
N GLU A 110 5.46 16.90 -7.76
CA GLU A 110 6.59 17.43 -8.55
C GLU A 110 6.53 16.93 -9.98
N ARG A 111 6.37 15.61 -10.17
CA ARG A 111 6.28 15.08 -11.53
C ARG A 111 5.13 15.74 -12.30
N ASP A 112 3.97 15.89 -11.65
CA ASP A 112 2.78 16.39 -12.34
C ASP A 112 2.90 17.88 -12.68
N ALA A 113 3.62 18.65 -11.84
CA ALA A 113 3.85 20.05 -12.16
C ALA A 113 4.75 20.19 -13.38
N ALA A 114 5.74 19.31 -13.51
CA ALA A 114 6.61 19.32 -14.69
C ALA A 114 5.85 18.97 -15.96
N ILE A 115 4.90 18.02 -15.87
CA ILE A 115 4.15 17.65 -17.07
C ILE A 115 3.17 18.75 -17.43
N LYS A 116 2.61 19.41 -16.41
CA LYS A 116 1.67 20.51 -16.65
C LYS A 116 2.34 21.62 -17.46
N LYS A 117 3.59 21.95 -17.15
CA LYS A 117 4.29 22.98 -17.92
C LYS A 117 4.58 22.51 -19.34
N LEU A 118 4.90 21.22 -19.52
CA LEU A 118 5.03 20.71 -20.88
C LEU A 118 3.71 20.76 -21.61
N ALA A 119 2.61 20.48 -20.90
CA ALA A 119 1.29 20.55 -21.52
C ALA A 119 0.94 21.97 -21.94
N THR A 120 1.17 22.94 -21.06
CA THR A 120 0.87 24.33 -21.39
C THR A 120 1.67 24.79 -22.61
N GLU A 121 2.95 24.45 -22.67
CA GLU A 121 3.77 24.86 -23.81
C GLU A 121 3.23 24.32 -25.12
N ALA A 122 2.60 23.14 -25.10
CA ALA A 122 2.05 22.53 -26.30
C ALA A 122 0.58 22.87 -26.51
N GLY A 123 0.04 23.84 -25.77
CA GLY A 123 -1.37 24.18 -25.89
C GLY A 123 -2.33 23.09 -25.45
N VAL A 124 -1.95 22.26 -24.50
CA VAL A 124 -2.80 21.17 -24.00
C VAL A 124 -3.44 21.58 -22.68
N GLU A 125 -4.77 21.53 -22.63
CA GLU A 125 -5.50 21.74 -21.39
C GLU A 125 -5.34 20.51 -20.47
N VAL A 126 -5.12 20.76 -19.18
CA VAL A 126 -4.93 19.68 -18.21
C VAL A 126 -6.11 19.66 -17.25
N ILE A 127 -6.79 18.52 -17.20
CA ILE A 127 -7.89 18.27 -16.29
C ILE A 127 -7.36 17.43 -15.13
N VAL A 128 -7.57 17.90 -13.91
CA VAL A 128 -7.17 17.17 -12.72
C VAL A 128 -8.40 17.01 -11.82
N ARG A 129 -8.66 15.79 -11.38
CA ARG A 129 -9.79 15.54 -10.50
C ARG A 129 -9.33 14.63 -9.37
N ILE A 130 -9.96 14.80 -8.22
CA ILE A 130 -9.65 14.01 -7.03
C ILE A 130 -10.48 12.75 -7.07
N SER A 131 -9.83 11.59 -7.01
CA SER A 131 -10.57 10.35 -6.76
C SER A 131 -9.74 9.30 -6.03
N HIS A 132 -8.52 9.61 -5.57
CA HIS A 132 -7.82 8.63 -4.76
C HIS A 132 -8.17 8.74 -3.29
N THR A 133 -8.68 9.88 -2.86
CA THR A 133 -9.04 10.12 -1.47
C THR A 133 -10.51 10.53 -1.40
N LEU A 134 -11.11 10.31 -0.22
CA LEU A 134 -12.47 10.79 0.00
C LEU A 134 -12.54 12.31 -0.03
N TYR A 135 -11.51 12.99 0.45
CA TYR A 135 -11.59 14.41 0.72
C TYR A 135 -10.57 15.18 -0.12
N ASP A 136 -10.86 16.46 -0.30
CA ASP A 136 -9.89 17.42 -0.85
C ASP A 136 -8.93 17.76 0.29
N LEU A 137 -7.75 17.15 0.28
CA LEU A 137 -6.85 17.26 1.42
C LEU A 137 -6.32 18.68 1.62
N ASP A 138 -6.16 19.46 0.54
CA ASP A 138 -5.73 20.84 0.70
C ASP A 138 -6.77 21.67 1.46
N LYS A 139 -8.05 21.37 1.26
CA LYS A 139 -9.08 22.10 2.02
C LYS A 139 -9.03 21.76 3.50
N ILE A 140 -8.68 20.52 3.87
CA ILE A 140 -8.50 20.18 5.27
C ILE A 140 -7.37 21.02 5.87
N ILE A 141 -6.26 21.10 5.14
CA ILE A 141 -5.09 21.84 5.60
C ILE A 141 -5.40 23.32 5.73
N GLU A 142 -6.18 23.86 4.79
CA GLU A 142 -6.58 25.27 4.87
C GLU A 142 -7.45 25.52 6.09
N LEU A 143 -8.44 24.66 6.31
CA LEU A 143 -9.21 24.67 7.54
C LEU A 143 -8.34 24.73 8.80
N ASN A 144 -7.25 23.97 8.82
CA ASN A 144 -6.37 23.87 9.99
C ASN A 144 -5.29 24.97 10.01
N GLY A 145 -5.45 26.03 9.22
CA GLY A 145 -4.51 27.14 9.26
C GLY A 145 -3.23 26.93 8.49
N GLY A 146 -3.21 26.01 7.53
CA GLY A 146 -2.05 25.83 6.67
C GLY A 146 -1.12 24.70 7.05
N GLN A 147 -1.44 23.94 8.11
CA GLN A 147 -0.65 22.78 8.50
C GLN A 147 -1.56 21.58 8.68
N PRO A 148 -1.11 20.37 8.31
CA PRO A 148 -1.96 19.19 8.50
C PRO A 148 -2.11 18.87 9.97
N PRO A 149 -3.23 18.24 10.36
CA PRO A 149 -3.38 17.80 11.75
C PRO A 149 -2.51 16.58 12.00
N LEU A 150 -1.89 16.54 13.18
CA LEU A 150 -1.07 15.38 13.55
C LEU A 150 -1.78 14.46 14.56
N THR A 151 -3.07 14.68 14.83
CA THR A 151 -3.89 13.77 15.61
C THR A 151 -5.13 13.37 14.82
N TYR A 152 -5.57 12.16 15.10
CA TYR A 152 -6.76 11.64 14.44
C TYR A 152 -8.01 12.39 14.87
N LYS A 153 -8.14 12.72 16.15
CA LYS A 153 -9.34 13.43 16.60
C LYS A 153 -9.47 14.80 15.93
N ARG A 154 -8.35 15.54 15.84
CA ARG A 154 -8.39 16.82 15.13
C ARG A 154 -8.80 16.63 13.67
N PHE A 155 -8.26 15.61 13.02
CA PHE A 155 -8.64 15.33 11.65
C PHE A 155 -10.16 15.13 11.52
N GLN A 156 -10.74 14.31 12.41
CA GLN A 156 -12.19 14.12 12.43
C GLN A 156 -12.95 15.44 12.56
N THR A 157 -12.53 16.28 13.51
CA THR A 157 -13.19 17.57 13.72
C THR A 157 -13.17 18.43 12.47
N LEU A 158 -12.03 18.48 11.78
CA LEU A 158 -11.93 19.27 10.56
C LEU A 158 -12.79 18.68 9.45
N VAL A 159 -12.82 17.35 9.36
CA VAL A 159 -13.59 16.71 8.31
C VAL A 159 -15.09 16.95 8.54
N SER A 160 -15.51 17.05 9.80
CA SER A 160 -16.90 17.33 10.11
C SER A 160 -17.32 18.74 9.72
N LYS A 161 -16.39 19.60 9.33
CA LYS A 161 -16.71 20.92 8.82
C LYS A 161 -16.58 21.00 7.32
N MET A 162 -16.34 19.87 6.66
CA MET A 162 -16.26 19.85 5.21
C MET A 162 -17.67 19.71 4.63
N GLU A 163 -17.79 20.07 3.36
CA GLU A 163 -19.04 19.81 2.66
C GLU A 163 -19.23 18.29 2.56
N PRO A 164 -20.48 17.82 2.55
CA PRO A 164 -20.73 16.38 2.47
C PRO A 164 -20.08 15.77 1.25
N LEU A 165 -19.73 14.49 1.37
CA LEU A 165 -18.74 13.91 0.47
C LEU A 165 -19.30 13.77 -0.95
N GLU A 166 -18.39 13.78 -1.91
CA GLU A 166 -18.76 13.57 -3.29
C GLU A 166 -19.22 12.13 -3.50
N MET A 167 -20.29 11.95 -4.26
CA MET A 167 -20.72 10.61 -4.62
C MET A 167 -19.91 10.10 -5.81
N PRO A 168 -19.69 8.78 -5.90
CA PRO A 168 -18.81 8.26 -6.98
C PRO A 168 -19.35 8.59 -8.37
N ALA A 169 -18.42 8.75 -9.31
CA ALA A 169 -18.80 9.07 -10.68
C ALA A 169 -19.32 7.81 -11.40
N ASP A 170 -19.98 8.03 -12.53
CA ASP A 170 -20.57 6.92 -13.27
C ASP A 170 -19.48 6.17 -14.06
N THR A 171 -19.54 4.85 -13.97
CA THR A 171 -18.60 3.98 -14.69
C THR A 171 -18.54 4.33 -16.17
N ILE A 172 -17.35 4.18 -16.75
CA ILE A 172 -17.19 4.42 -18.17
C ILE A 172 -17.79 3.25 -18.94
N THR A 173 -18.79 3.54 -19.78
CA THR A 173 -19.47 2.56 -20.61
C THR A 173 -19.46 3.02 -22.05
N SER A 174 -19.94 2.15 -22.93
CA SER A 174 -20.19 2.53 -24.32
C SER A 174 -21.06 3.79 -24.40
N ASP A 175 -22.12 3.85 -23.57
CA ASP A 175 -22.98 5.02 -23.54
C ASP A 175 -22.21 6.29 -23.22
N VAL A 176 -21.34 6.23 -22.21
CA VAL A 176 -20.52 7.38 -21.86
C VAL A 176 -19.62 7.77 -23.02
N ILE A 177 -18.96 6.76 -23.61
CA ILE A 177 -18.05 7.02 -24.70
C ILE A 177 -18.78 7.63 -25.89
N GLY A 178 -19.98 7.15 -26.19
CA GLY A 178 -20.78 7.75 -27.25
C GLY A 178 -20.06 7.70 -28.59
N LYS A 179 -20.02 8.86 -29.27
CA LYS A 179 -19.40 8.98 -30.58
C LYS A 179 -17.89 9.18 -30.53
N CYS A 180 -17.32 9.39 -29.34
CA CYS A 180 -15.87 9.40 -29.18
C CYS A 180 -15.31 8.02 -29.51
N MET A 181 -14.07 7.98 -29.97
CA MET A 181 -13.49 6.71 -30.38
C MET A 181 -11.97 6.72 -30.15
N THR A 182 -11.37 5.55 -30.32
CA THR A 182 -9.94 5.36 -30.09
C THR A 182 -9.29 4.90 -31.37
N PRO A 183 -8.49 5.73 -32.05
CA PRO A 183 -7.78 5.24 -33.23
C PRO A 183 -6.79 4.16 -32.82
N LEU A 184 -6.75 3.07 -33.58
CA LEU A 184 -5.92 1.92 -33.23
C LEU A 184 -5.07 1.52 -34.43
N SER A 185 -3.76 1.42 -34.22
CA SER A 185 -2.83 1.03 -35.27
C SER A 185 -2.70 -0.48 -35.33
N ASP A 186 -2.29 -0.98 -36.51
CA ASP A 186 -2.10 -2.41 -36.67
C ASP A 186 -1.01 -2.96 -35.75
N ASP A 187 0.01 -2.14 -35.43
CA ASP A 187 1.09 -2.57 -34.55
C ASP A 187 0.80 -2.31 -33.07
N HIS A 188 -0.47 -2.13 -32.69
CA HIS A 188 -0.76 -1.71 -31.33
C HIS A 188 -0.23 -2.71 -30.30
N ASP A 189 -0.39 -4.01 -30.57
CA ASP A 189 -0.08 -4.99 -29.53
C ASP A 189 1.41 -5.16 -29.30
N GLU A 190 2.24 -4.82 -30.30
CA GLU A 190 3.68 -4.87 -30.13
C GLU A 190 4.21 -3.59 -29.52
N LYS A 191 3.80 -2.45 -30.07
CA LYS A 191 4.36 -1.16 -29.68
C LYS A 191 3.83 -0.66 -28.34
N TYR A 192 2.58 -0.95 -28.01
CA TYR A 192 1.91 -0.40 -26.83
C TYR A 192 1.38 -1.50 -25.91
N GLY A 193 1.89 -2.72 -26.01
CA GLY A 193 1.32 -3.82 -25.26
C GLY A 193 1.80 -3.88 -23.82
N VAL A 194 1.03 -4.57 -22.99
CA VAL A 194 1.36 -4.66 -21.56
C VAL A 194 2.59 -5.54 -21.40
N PRO A 195 3.60 -5.13 -20.63
CA PRO A 195 4.80 -5.95 -20.47
C PRO A 195 4.56 -7.24 -19.70
N SER A 196 5.51 -8.16 -19.85
CA SER A 196 5.60 -9.39 -19.08
C SER A 196 6.59 -9.21 -17.94
N LEU A 197 6.48 -10.07 -16.92
CA LEU A 197 7.49 -10.07 -15.85
C LEU A 197 8.89 -10.35 -16.40
N GLU A 198 8.99 -11.29 -17.35
CA GLU A 198 10.30 -11.62 -17.90
C GLU A 198 10.89 -10.44 -18.65
N GLU A 199 10.05 -9.68 -19.36
CA GLU A 199 10.55 -8.47 -20.04
C GLU A 199 11.04 -7.44 -19.05
N LEU A 200 10.57 -7.45 -17.80
CA LEU A 200 11.12 -6.53 -16.82
C LEU A 200 12.39 -7.05 -16.16
N GLY A 201 12.84 -8.25 -16.52
CA GLY A 201 14.05 -8.82 -15.97
C GLY A 201 13.85 -9.81 -14.83
N PHE A 202 12.63 -10.27 -14.60
CA PHE A 202 12.33 -11.14 -13.47
C PHE A 202 12.36 -12.60 -13.89
N ASP A 203 13.11 -13.41 -13.14
CA ASP A 203 13.06 -14.86 -13.28
C ASP A 203 11.76 -15.37 -12.67
N THR A 204 10.86 -15.91 -13.50
CA THR A 204 9.61 -16.48 -13.04
C THR A 204 9.67 -18.00 -12.92
N ASP A 205 10.84 -18.56 -12.64
CA ASP A 205 11.02 -20.01 -12.64
C ASP A 205 10.24 -20.64 -11.48
N GLY A 206 10.51 -20.21 -10.26
CA GLY A 206 9.79 -20.71 -9.11
C GLY A 206 8.69 -19.75 -8.66
N LEU A 207 7.64 -19.63 -9.46
CA LEU A 207 6.60 -18.62 -9.25
C LEU A 207 5.23 -19.28 -9.18
N SER A 208 4.75 -19.47 -7.95
CA SER A 208 3.37 -19.90 -7.78
C SER A 208 2.42 -18.76 -8.14
N SER A 209 1.17 -19.10 -8.39
CA SER A 209 0.19 -18.08 -8.72
C SER A 209 -0.08 -17.18 -7.53
N ALA A 210 -0.58 -15.99 -7.84
CA ALA A 210 -0.61 -14.91 -6.85
C ALA A 210 -1.72 -15.13 -5.82
N VAL A 211 -1.35 -14.93 -4.55
CA VAL A 211 -2.34 -14.90 -3.48
C VAL A 211 -3.26 -13.71 -3.64
N TRP A 212 -2.77 -12.64 -4.27
CA TRP A 212 -3.49 -11.38 -4.43
C TRP A 212 -3.54 -11.02 -5.91
N PRO A 213 -4.51 -11.53 -6.67
CA PRO A 213 -4.59 -11.16 -8.09
C PRO A 213 -4.93 -9.68 -8.23
N GLY A 214 -4.23 -8.99 -9.11
CA GLY A 214 -4.50 -7.58 -9.31
C GLY A 214 -5.70 -7.30 -10.22
N GLY A 215 -6.17 -6.06 -10.21
CA GLY A 215 -7.18 -5.62 -11.17
C GLY A 215 -8.54 -5.22 -10.64
N GLU A 216 -9.19 -4.31 -11.39
CA GLU A 216 -10.51 -3.80 -11.02
C GLU A 216 -11.56 -4.92 -10.97
N THR A 217 -11.45 -5.90 -11.88
CA THR A 217 -12.46 -6.96 -11.92
C THR A 217 -12.41 -7.78 -10.62
N GLU A 218 -11.21 -8.17 -10.21
CA GLU A 218 -11.04 -8.85 -8.93
C GLU A 218 -11.47 -7.98 -7.77
N ALA A 219 -11.14 -6.68 -7.82
CA ALA A 219 -11.48 -5.77 -6.73
C ALA A 219 -12.99 -5.69 -6.50
N LEU A 220 -13.75 -5.59 -7.60
CA LEU A 220 -15.20 -5.40 -7.46
C LEU A 220 -15.88 -6.69 -7.01
N THR A 221 -15.41 -7.83 -7.48
CA THR A 221 -15.86 -9.13 -6.98
C THR A 221 -15.64 -9.26 -5.47
N ARG A 222 -14.39 -9.00 -5.03
CA ARG A 222 -14.09 -9.01 -3.61
C ARG A 222 -14.96 -8.01 -2.84
N LEU A 223 -15.16 -6.80 -3.39
CA LEU A 223 -15.99 -5.81 -2.68
C LEU A 223 -17.37 -6.38 -2.37
N GLU A 224 -18.00 -7.05 -3.34
CA GLU A 224 -19.34 -7.59 -3.10
C GLU A 224 -19.30 -8.66 -2.01
N ARG A 225 -18.38 -9.61 -2.13
CA ARG A 225 -18.26 -10.62 -1.10
C ARG A 225 -17.88 -10.00 0.25
N HIS A 226 -17.11 -8.91 0.24
CA HIS A 226 -16.67 -8.30 1.49
C HIS A 226 -17.86 -7.72 2.26
N LEU A 227 -18.82 -7.15 1.52
CA LEU A 227 -20.02 -6.58 2.13
C LEU A 227 -20.98 -7.66 2.63
N GLU A 228 -21.14 -8.75 1.86
CA GLU A 228 -21.97 -9.86 2.34
C GLU A 228 -21.42 -10.40 3.64
N ARG A 229 -20.10 -10.62 3.71
CA ARG A 229 -19.46 -11.08 4.94
C ARG A 229 -19.69 -10.11 6.10
N LYS A 230 -19.55 -8.81 5.85
CA LYS A 230 -19.71 -7.81 6.92
C LYS A 230 -21.10 -7.84 7.53
N ALA A 231 -22.13 -7.94 6.70
CA ALA A 231 -23.50 -7.95 7.19
C ALA A 231 -23.92 -9.33 7.67
N TRP A 232 -23.64 -10.37 6.87
CA TRP A 232 -24.19 -11.69 7.14
C TRP A 232 -23.41 -12.49 8.17
N VAL A 233 -22.09 -12.35 8.22
CA VAL A 233 -21.24 -13.23 9.04
C VAL A 233 -20.60 -12.48 10.21
N ALA A 234 -19.96 -11.33 9.93
CA ALA A 234 -19.33 -10.59 11.02
C ALA A 234 -20.30 -9.71 11.79
N ASN A 235 -21.43 -9.35 11.18
CA ASN A 235 -22.42 -8.44 11.77
C ASN A 235 -21.77 -7.15 12.24
N PHE A 236 -20.92 -6.57 11.38
CA PHE A 236 -20.32 -5.26 11.61
C PHE A 236 -19.50 -5.22 12.89
N GLU A 237 -18.83 -6.31 13.23
CA GLU A 237 -17.93 -6.32 14.38
C GLU A 237 -16.46 -6.46 13.95
N MET A 241 -6.64 -9.87 15.68
CA MET A 241 -5.95 -10.90 14.91
C MET A 241 -5.87 -12.20 15.70
N ASN A 242 -6.49 -13.26 15.18
CA ASN A 242 -6.36 -14.62 15.67
C ASN A 242 -5.63 -15.44 14.62
N ALA A 243 -5.50 -16.74 14.89
CA ALA A 243 -4.74 -17.61 13.99
C ALA A 243 -5.28 -17.53 12.57
N ASN A 244 -6.60 -17.43 12.43
CA ASN A 244 -7.23 -17.33 11.11
C ASN A 244 -6.90 -16.01 10.43
N SER A 245 -7.01 -14.90 11.16
CA SER A 245 -6.81 -13.55 10.63
C SER A 245 -5.41 -13.33 10.04
N LEU A 246 -4.41 -14.09 10.48
CA LEU A 246 -3.05 -13.92 9.97
C LEU A 246 -2.94 -14.31 8.50
N LEU A 247 -3.80 -15.22 8.03
CA LEU A 247 -3.73 -15.70 6.66
C LEU A 247 -4.56 -14.80 5.74
N ALA A 248 -4.10 -14.66 4.49
CA ALA A 248 -4.76 -13.77 3.54
C ALA A 248 -6.23 -14.13 3.39
N SER A 249 -7.07 -13.11 3.35
CA SER A 249 -8.50 -13.29 3.22
C SER A 249 -8.93 -13.10 1.78
N PRO A 250 -9.86 -13.93 1.32
CA PRO A 250 -10.38 -13.79 -0.05
C PRO A 250 -11.19 -12.53 -0.26
N THR A 251 -11.57 -11.83 0.80
CA THR A 251 -12.30 -10.57 0.71
C THR A 251 -11.47 -9.37 1.18
N GLY A 252 -10.16 -9.55 1.36
CA GLY A 252 -9.29 -8.42 1.65
C GLY A 252 -9.23 -7.45 0.47
N LEU A 253 -9.28 -6.15 0.80
CA LEU A 253 -9.36 -5.10 -0.21
C LEU A 253 -8.16 -4.17 -0.24
N SER A 254 -7.21 -4.31 0.67
CA SER A 254 -6.27 -3.20 0.80
C SER A 254 -5.30 -3.03 -0.37
N PRO A 255 -4.81 -4.07 -1.03
CA PRO A 255 -3.96 -3.81 -2.20
C PRO A 255 -4.73 -3.15 -3.34
N TYR A 256 -6.04 -3.39 -3.43
CA TYR A 256 -6.86 -2.79 -4.48
C TYR A 256 -7.11 -1.31 -4.20
N LEU A 257 -7.26 -0.94 -2.92
CA LEU A 257 -7.32 0.47 -2.54
C LEU A 257 -6.01 1.20 -2.84
N ARG A 258 -4.87 0.56 -2.59
CA ARG A 258 -3.59 1.23 -2.82
C ARG A 258 -3.36 1.50 -4.31
N PHE A 259 -3.58 0.47 -5.14
CA PHE A 259 -3.37 0.62 -6.58
C PHE A 259 -4.51 1.37 -7.26
N GLY A 260 -5.65 1.55 -6.59
CA GLY A 260 -6.74 2.23 -7.25
C GLY A 260 -7.62 1.34 -8.12
N CYS A 261 -7.48 0.01 -8.01
CA CYS A 261 -8.45 -0.90 -8.61
C CYS A 261 -9.84 -0.72 -8.00
N LEU A 262 -9.90 -0.23 -6.77
CA LEU A 262 -11.15 -0.03 -6.06
C LEU A 262 -11.22 1.40 -5.58
N SER A 263 -12.30 2.09 -5.92
CA SER A 263 -12.47 3.47 -5.44
C SER A 263 -12.75 3.50 -3.95
N CYS A 264 -12.04 4.37 -3.20
CA CYS A 264 -12.36 4.51 -1.78
C CYS A 264 -13.76 5.07 -1.59
N ARG A 265 -14.19 5.96 -2.48
CA ARG A 265 -15.52 6.55 -2.36
C ARG A 265 -16.62 5.53 -2.62
N LEU A 266 -16.44 4.67 -3.63
CA LEU A 266 -17.43 3.62 -3.86
C LEU A 266 -17.56 2.71 -2.65
N PHE A 267 -16.42 2.30 -2.09
CA PHE A 267 -16.41 1.49 -0.87
C PHE A 267 -17.18 2.19 0.25
N TYR A 268 -16.88 3.48 0.48
CA TYR A 268 -17.55 4.23 1.54
C TYR A 268 -19.06 4.27 1.33
N PHE A 269 -19.51 4.55 0.11
CA PHE A 269 -20.95 4.60 -0.15
C PHE A 269 -21.60 3.23 0.03
N LYS A 270 -20.92 2.16 -0.44
CA LYS A 270 -21.47 0.81 -0.27
C LYS A 270 -21.58 0.42 1.19
N LEU A 271 -20.60 0.82 2.01
CA LEU A 271 -20.66 0.54 3.44
C LEU A 271 -21.81 1.29 4.12
N THR A 272 -22.00 2.56 3.79
CA THR A 272 -23.08 3.32 4.42
C THR A 272 -24.43 2.74 4.00
N ASP A 273 -24.59 2.46 2.71
CA ASP A 273 -25.84 1.89 2.21
C ASP A 273 -26.12 0.52 2.86
N LEU A 274 -25.10 -0.33 2.96
CA LEU A 274 -25.31 -1.64 3.57
C LEU A 274 -25.79 -1.49 5.01
N TYR A 275 -25.14 -0.62 5.78
CA TYR A 275 -25.51 -0.43 7.17
C TYR A 275 -26.93 0.13 7.31
N LYS A 276 -27.29 1.10 6.46
CA LYS A 276 -28.63 1.67 6.51
C LYS A 276 -29.69 0.60 6.30
N LYS A 277 -29.54 -0.23 5.26
CA LYS A 277 -30.55 -1.24 4.96
C LYS A 277 -30.62 -2.29 6.07
N VAL A 278 -29.47 -2.79 6.51
CA VAL A 278 -29.45 -3.91 7.44
C VAL A 278 -29.78 -3.47 8.86
N LYS A 279 -29.56 -2.21 9.20
CA LYS A 279 -29.65 -1.78 10.59
C LYS A 279 -30.49 -0.53 10.73
N PRO A 284 -24.34 5.67 11.01
CA PRO A 284 -23.47 4.58 11.46
C PRO A 284 -22.23 5.06 12.23
N PRO A 285 -21.69 4.21 13.10
CA PRO A 285 -20.52 4.61 13.88
C PRO A 285 -19.29 4.84 12.99
N LEU A 286 -18.33 5.58 13.55
CA LEU A 286 -17.08 5.83 12.83
C LEU A 286 -16.29 4.55 12.63
N SER A 287 -16.43 3.58 13.53
CA SER A 287 -15.73 2.30 13.38
C SER A 287 -16.09 1.60 12.08
N LEU A 288 -17.23 1.95 11.47
CA LEU A 288 -17.59 1.39 10.17
C LEU A 288 -16.60 1.81 9.09
N TYR A 289 -16.11 3.05 9.14
CA TYR A 289 -15.12 3.56 8.19
C TYR A 289 -13.79 3.90 8.87
N GLY A 290 -13.42 3.20 9.94
CA GLY A 290 -12.18 3.50 10.62
C GLY A 290 -10.98 3.44 9.68
N GLN A 291 -10.83 2.32 8.98
CA GLN A 291 -9.73 2.11 8.04
C GLN A 291 -9.59 3.27 7.05
N LEU A 292 -10.69 3.63 6.38
CA LEU A 292 -10.64 4.60 5.29
C LEU A 292 -10.20 5.98 5.76
N LEU A 293 -10.60 6.39 6.96
CA LEU A 293 -10.20 7.71 7.44
C LEU A 293 -8.72 7.75 7.84
N TRP A 294 -8.18 6.66 8.40
CA TRP A 294 -6.74 6.65 8.64
C TRP A 294 -5.95 6.82 7.34
N ARG A 295 -6.48 6.28 6.24
CA ARG A 295 -5.88 6.48 4.93
C ARG A 295 -5.79 7.96 4.58
N GLU A 296 -6.90 8.68 4.74
CA GLU A 296 -6.90 10.11 4.47
C GLU A 296 -5.99 10.87 5.44
N PHE A 297 -5.94 10.42 6.70
CA PHE A 297 -5.10 11.10 7.69
C PHE A 297 -3.64 11.18 7.22
N PHE A 298 -3.07 10.04 6.83
CA PHE A 298 -1.65 10.01 6.49
C PHE A 298 -1.37 10.73 5.17
N TYR A 299 -2.27 10.60 4.18
CA TYR A 299 -2.12 11.37 2.95
C TYR A 299 -2.08 12.85 3.27
N THR A 300 -3.01 13.30 4.12
CA THR A 300 -3.05 14.72 4.49
C THR A 300 -1.75 15.16 5.16
N ALA A 301 -1.27 14.35 6.11
CA ALA A 301 -0.02 14.66 6.81
C ALA A 301 1.15 14.71 5.84
N ALA A 302 1.15 13.87 4.80
CA ALA A 302 2.32 13.78 3.95
C ALA A 302 2.36 14.84 2.85
N THR A 303 1.21 15.41 2.45
CA THR A 303 1.16 16.00 1.10
C THR A 303 2.12 17.19 0.94
N ASN A 304 2.30 18.01 1.99
CA ASN A 304 3.13 19.20 1.93
C ASN A 304 4.51 18.99 2.53
N ASN A 305 4.94 17.74 2.69
CA ASN A 305 6.18 17.42 3.42
C ASN A 305 7.04 16.52 2.53
N PRO A 306 7.91 17.10 1.69
CA PRO A 306 8.77 16.29 0.81
C PRO A 306 9.76 15.40 1.54
N ARG A 307 10.06 15.64 2.81
CA ARG A 307 10.91 14.73 3.56
C ARG A 307 10.11 13.86 4.55
N PHE A 308 8.84 13.58 4.24
CA PHE A 308 7.96 12.83 5.15
C PHE A 308 8.50 11.44 5.46
N ASP A 309 9.24 10.85 4.52
CA ASP A 309 9.83 9.53 4.67
C ASP A 309 11.26 9.55 5.20
N LYS A 310 11.68 10.63 5.86
CA LYS A 310 13.03 10.80 6.39
C LYS A 310 12.95 11.24 7.83
N MET A 311 14.04 10.99 8.57
CA MET A 311 14.18 11.61 9.89
C MET A 311 14.79 13.01 9.82
N GLU A 312 15.93 13.17 9.18
CA GLU A 312 16.58 14.48 9.11
C GLU A 312 15.88 15.38 8.11
N GLY A 313 15.77 16.66 8.43
CA GLY A 313 15.05 17.58 7.59
C GLY A 313 13.54 17.42 7.60
N ASN A 314 13.00 16.50 8.43
CA ASN A 314 11.56 16.27 8.53
C ASN A 314 11.03 16.97 9.76
N PRO A 315 10.32 18.11 9.62
CA PRO A 315 9.96 18.91 10.80
C PRO A 315 8.96 18.25 11.74
N ILE A 316 8.27 17.17 11.34
CA ILE A 316 7.38 16.48 12.28
C ILE A 316 8.04 15.26 12.93
N CYS A 317 9.28 14.95 12.59
CA CYS A 317 9.89 13.72 13.11
C CYS A 317 10.84 14.05 14.26
N VAL A 318 10.67 13.36 15.39
CA VAL A 318 11.65 13.44 16.47
C VAL A 318 12.98 12.86 16.00
N GLN A 319 14.06 13.53 16.34
CA GLN A 319 15.40 13.08 15.98
C GLN A 319 15.88 12.09 17.04
N ILE A 320 16.10 10.84 16.63
CA ILE A 320 16.40 9.76 17.56
C ILE A 320 17.71 9.14 17.10
N PRO A 321 18.65 8.83 18.01
CA PRO A 321 19.97 8.30 17.59
C PRO A 321 19.93 6.81 17.30
N TRP A 322 19.29 6.47 16.16
CA TRP A 322 19.24 5.08 15.73
C TRP A 322 20.65 4.60 15.36
N ASP A 323 20.85 3.29 15.48
CA ASP A 323 22.11 2.68 15.10
C ASP A 323 22.10 2.27 13.64
N LYS A 324 23.29 2.22 13.04
CA LYS A 324 23.51 1.63 11.73
C LYS A 324 24.07 0.23 11.92
N ASN A 325 23.42 -0.75 11.34
CA ASN A 325 23.77 -2.14 11.60
C ASN A 325 23.30 -2.98 10.42
N PRO A 326 23.99 -2.94 9.28
CA PRO A 326 23.51 -3.69 8.10
C PRO A 326 23.34 -5.18 8.36
N GLU A 327 24.13 -5.76 9.26
CA GLU A 327 24.02 -7.19 9.54
C GLU A 327 22.70 -7.52 10.22
N ALA A 328 22.39 -6.79 11.29
CA ALA A 328 21.10 -6.95 11.96
C ALA A 328 19.95 -6.64 11.02
N LEU A 329 20.06 -5.55 10.24
CA LEU A 329 18.98 -5.20 9.31
C LEU A 329 18.71 -6.32 8.31
N ALA A 330 19.77 -6.90 7.75
CA ALA A 330 19.59 -8.00 6.78
C ALA A 330 18.96 -9.22 7.43
N LYS A 331 19.34 -9.53 8.67
CA LYS A 331 18.68 -10.64 9.38
C LYS A 331 17.19 -10.38 9.56
N TRP A 332 16.83 -9.15 9.89
CA TRP A 332 15.42 -8.81 10.04
C TRP A 332 14.69 -8.92 8.70
N ALA A 333 15.25 -8.33 7.64
CA ALA A 333 14.53 -8.24 6.37
C ALA A 333 14.39 -9.59 5.70
N GLU A 334 15.29 -10.52 5.99
CA GLU A 334 15.26 -11.85 5.38
C GLU A 334 14.68 -12.90 6.30
N GLY A 335 14.13 -12.50 7.45
CA GLY A 335 13.52 -13.45 8.34
C GLY A 335 14.48 -14.46 8.92
N ARG A 336 15.63 -13.99 9.38
CA ARG A 336 16.66 -14.84 9.97
C ARG A 336 17.01 -14.37 11.37
N THR A 337 16.03 -13.81 12.10
CA THR A 337 16.34 -13.24 13.41
C THR A 337 16.49 -14.30 14.50
N GLY A 338 16.03 -15.53 14.29
CA GLY A 338 16.00 -16.52 15.33
C GLY A 338 14.81 -16.43 16.25
N PHE A 339 13.93 -15.45 16.06
CA PHE A 339 12.65 -15.38 16.75
C PHE A 339 11.58 -15.86 15.78
N PRO A 340 10.99 -17.03 15.99
CA PRO A 340 10.11 -17.59 14.94
C PRO A 340 8.93 -16.69 14.59
N TRP A 341 8.35 -15.98 15.55
CA TRP A 341 7.21 -15.09 15.25
C TRP A 341 7.62 -14.00 14.27
N ILE A 342 8.77 -13.36 14.50
CA ILE A 342 9.24 -12.31 13.60
C ILE A 342 9.62 -12.90 12.26
N ASP A 343 10.27 -14.06 12.26
CA ASP A 343 10.77 -14.65 11.02
C ASP A 343 9.63 -15.15 10.15
N ALA A 344 8.56 -15.68 10.77
CA ALA A 344 7.43 -16.15 9.99
C ALA A 344 6.68 -14.99 9.37
N ILE A 345 6.51 -13.90 10.11
CA ILE A 345 5.84 -12.73 9.55
C ILE A 345 6.63 -12.19 8.36
N MET A 346 7.95 -12.02 8.53
CA MET A 346 8.76 -11.52 7.42
C MET A 346 8.84 -12.52 6.26
N THR A 347 8.64 -13.82 6.51
CA THR A 347 8.60 -14.78 5.40
C THR A 347 7.30 -14.66 4.61
N GLN A 348 6.15 -14.63 5.30
CA GLN A 348 4.88 -14.44 4.61
C GLN A 348 4.89 -13.16 3.79
N LEU A 349 5.44 -12.08 4.35
CA LEU A 349 5.55 -10.81 3.65
C LEU A 349 6.28 -10.99 2.33
N ARG A 350 7.49 -11.56 2.37
CA ARG A 350 8.27 -11.71 1.13
C ARG A 350 7.57 -12.63 0.13
N GLN A 351 6.93 -13.71 0.61
CA GLN A 351 6.33 -14.71 -0.27
C GLN A 351 5.05 -14.19 -0.91
N GLU A 352 4.18 -13.54 -0.14
CA GLU A 352 2.81 -13.24 -0.57
C GLU A 352 2.53 -11.76 -0.79
N GLY A 353 3.16 -10.88 -0.03
CA GLY A 353 2.97 -9.45 -0.22
C GLY A 353 1.96 -8.80 0.72
N TRP A 354 1.39 -9.54 1.65
CA TRP A 354 0.52 -8.95 2.66
C TRP A 354 0.76 -9.65 3.99
N ILE A 355 0.74 -8.86 5.08
CA ILE A 355 0.72 -9.38 6.44
C ILE A 355 -0.31 -8.56 7.21
N HIS A 356 -0.85 -9.15 8.27
CA HIS A 356 -1.85 -8.48 9.10
C HIS A 356 -1.29 -7.18 9.68
N HIS A 357 -2.18 -6.21 9.89
CA HIS A 357 -1.75 -4.93 10.46
C HIS A 357 -1.03 -5.11 11.77
N LEU A 358 -1.51 -6.03 12.63
CA LEU A 358 -0.88 -6.19 13.93
C LEU A 358 0.46 -6.91 13.83
N ALA A 359 0.63 -7.78 12.82
CA ALA A 359 1.94 -8.35 12.53
C ALA A 359 2.93 -7.28 12.06
N ARG A 360 2.46 -6.27 11.32
CA ARG A 360 3.33 -5.14 10.96
C ARG A 360 3.82 -4.41 12.20
N HIS A 361 2.92 -4.18 13.18
CA HIS A 361 3.30 -3.58 14.45
C HIS A 361 4.42 -4.38 15.10
N ALA A 362 4.29 -5.71 15.09
CA ALA A 362 5.26 -6.53 15.81
C ALA A 362 6.63 -6.43 15.16
N VAL A 363 6.71 -6.60 13.84
CA VAL A 363 8.03 -6.57 13.23
C VAL A 363 8.61 -5.16 13.21
N ALA A 364 7.75 -4.14 13.16
CA ALA A 364 8.25 -2.76 13.16
C ALA A 364 8.80 -2.37 14.53
N CYS A 365 8.10 -2.78 15.59
CA CYS A 365 8.60 -2.54 16.94
C CYS A 365 9.93 -3.26 17.16
N PHE A 366 10.04 -4.49 16.67
CA PHE A 366 11.28 -5.25 16.84
C PHE A 366 12.45 -4.55 16.16
N LEU A 367 12.26 -4.08 14.94
CA LEU A 367 13.36 -3.46 14.23
C LEU A 367 13.79 -2.16 14.89
N THR A 368 12.83 -1.37 15.38
CA THR A 368 13.16 0.00 15.76
C THR A 368 13.33 0.10 17.28
N ARG A 369 12.31 0.64 17.97
CA ARG A 369 12.43 0.97 19.39
C ARG A 369 12.47 -0.26 20.31
N GLY A 370 11.97 -1.39 19.87
CA GLY A 370 11.86 -2.52 20.77
C GLY A 370 13.14 -3.31 20.95
N ASP A 371 13.84 -3.60 19.85
CA ASP A 371 14.96 -4.54 19.94
C ASP A 371 16.23 -4.08 19.24
N LEU A 372 16.20 -3.93 17.91
CA LEU A 372 17.43 -3.69 17.16
C LEU A 372 17.89 -2.23 17.17
N TRP A 373 17.00 -1.27 17.47
CA TRP A 373 17.36 0.17 17.49
C TRP A 373 17.84 0.62 16.12
N ILE A 374 17.23 0.08 15.07
CA ILE A 374 17.56 0.47 13.71
C ILE A 374 16.50 1.48 13.25
N SER A 375 16.93 2.46 12.45
CA SER A 375 16.02 3.53 12.06
C SER A 375 14.79 3.00 11.32
N TRP A 376 13.64 3.60 11.62
CA TRP A 376 12.40 3.31 10.92
C TRP A 376 12.50 3.51 9.41
N GLU A 377 13.43 4.37 8.94
CA GLU A 377 13.59 4.56 7.50
C GLU A 377 13.94 3.26 6.79
N GLU A 378 14.74 2.42 7.43
CA GLU A 378 15.21 1.18 6.82
C GLU A 378 14.09 0.17 6.72
N GLY A 379 13.26 0.07 7.76
CA GLY A 379 12.13 -0.84 7.69
C GLY A 379 11.13 -0.38 6.66
N MET A 380 10.94 0.94 6.58
CA MET A 380 10.02 1.50 5.59
C MET A 380 10.45 1.10 4.17
N LYS A 381 11.75 1.07 3.91
CA LYS A 381 12.21 0.71 2.56
C LYS A 381 11.93 -0.76 2.24
N VAL A 382 12.16 -1.66 3.21
CA VAL A 382 11.84 -3.06 3.01
C VAL A 382 10.34 -3.24 2.76
N PHE A 383 9.51 -2.53 3.51
CA PHE A 383 8.07 -2.63 3.31
C PHE A 383 7.66 -2.06 1.96
N GLU A 384 8.27 -0.95 1.53
CA GLU A 384 8.00 -0.41 0.20
C GLU A 384 8.32 -1.43 -0.89
N GLU A 385 9.35 -2.24 -0.70
CA GLU A 385 9.70 -3.24 -1.72
C GLU A 385 8.68 -4.38 -1.76
N LEU A 386 8.18 -4.82 -0.60
CA LEU A 386 7.52 -6.13 -0.49
C LEU A 386 6.02 -6.08 -0.20
N LEU A 387 5.50 -4.99 0.38
CA LEU A 387 4.12 -4.88 0.81
C LEU A 387 3.24 -4.30 -0.30
N LEU A 388 2.19 -5.04 -0.71
CA LEU A 388 1.36 -4.56 -1.81
C LEU A 388 0.58 -3.30 -1.46
N ASP A 389 0.10 -3.17 -0.21
CA ASP A 389 -0.72 -2.02 0.17
C ASP A 389 0.09 -0.88 0.81
N ALA A 390 1.39 -0.82 0.54
CA ALA A 390 2.26 0.14 1.21
C ALA A 390 2.46 1.37 0.33
N ASP A 391 1.42 2.17 0.20
CA ASP A 391 1.71 3.44 -0.46
C ASP A 391 2.48 4.34 0.50
N TRP A 392 3.18 5.31 -0.10
CA TRP A 392 4.28 6.02 0.53
C TRP A 392 3.82 6.75 1.80
N SER A 393 2.68 7.43 1.72
CA SER A 393 2.18 8.22 2.84
C SER A 393 1.87 7.35 4.05
N ILE A 394 1.11 6.27 3.86
CA ILE A 394 0.69 5.43 4.99
C ILE A 394 1.87 4.63 5.53
N ASN A 395 2.78 4.22 4.66
CA ASN A 395 3.93 3.42 5.08
C ASN A 395 4.89 4.26 5.93
N ALA A 396 5.28 5.45 5.42
CA ALA A 396 6.15 6.33 6.21
C ALA A 396 5.45 6.78 7.49
N GLY A 397 4.17 7.14 7.39
CA GLY A 397 3.42 7.51 8.58
C GLY A 397 3.40 6.42 9.64
N SER A 398 3.10 5.18 9.22
CA SER A 398 3.00 4.09 10.19
C SER A 398 4.35 3.80 10.86
N TRP A 399 5.44 3.87 10.09
CA TRP A 399 6.77 3.57 10.64
C TRP A 399 7.20 4.63 11.65
N MET A 400 6.83 5.89 11.42
CA MET A 400 7.08 6.92 12.41
C MET A 400 6.22 6.72 13.64
N TRP A 401 4.96 6.30 13.44
CA TRP A 401 4.07 6.02 14.57
C TRP A 401 4.62 4.90 15.44
N LEU A 402 5.00 3.78 14.82
CA LEU A 402 5.43 2.59 15.56
C LEU A 402 6.75 2.83 16.30
N SER A 403 7.68 3.57 15.68
CA SER A 403 8.98 3.85 16.28
C SER A 403 8.91 4.97 17.33
N CYS A 404 7.72 5.50 17.61
CA CYS A 404 7.52 6.63 18.51
C CYS A 404 8.28 7.86 18.01
N SER A 405 8.24 8.10 16.70
CA SER A 405 8.94 9.22 16.09
C SER A 405 8.04 10.39 15.73
N SER A 406 6.71 10.22 15.76
CA SER A 406 5.84 11.36 15.53
C SER A 406 4.46 11.04 16.06
N PHE A 407 3.50 11.91 15.73
CA PHE A 407 2.09 11.72 16.09
C PHE A 407 1.92 11.52 17.60
N PHE A 408 2.92 12.02 18.35
CA PHE A 408 2.86 12.10 19.81
C PHE A 408 2.74 10.75 20.46
N GLN A 409 3.30 9.76 19.80
CA GLN A 409 3.30 8.40 20.32
C GLN A 409 4.39 8.25 21.37
N GLN A 410 4.06 7.55 22.45
CA GLN A 410 4.95 7.33 23.57
C GLN A 410 5.34 5.86 23.66
N PHE A 411 6.51 5.60 24.23
CA PHE A 411 7.02 4.24 24.39
C PHE A 411 6.47 3.64 25.70
N PHE A 412 5.17 3.36 25.68
CA PHE A 412 4.51 2.76 26.85
C PHE A 412 4.94 1.31 27.03
N HIS A 413 4.80 0.52 25.98
CA HIS A 413 4.99 -0.91 26.03
C HIS A 413 5.84 -1.33 24.84
N CYS A 414 6.40 -2.52 24.93
CA CYS A 414 7.19 -3.09 23.86
C CYS A 414 6.65 -4.49 23.54
N TYR A 415 6.32 -4.74 22.28
CA TYR A 415 5.82 -6.05 21.88
C TYR A 415 6.84 -7.15 22.19
N CYS A 416 6.41 -8.20 22.88
CA CYS A 416 7.29 -9.34 23.10
C CYS A 416 7.35 -10.19 21.83
N PRO A 417 8.53 -10.41 21.25
CA PRO A 417 8.61 -11.24 20.03
C PRO A 417 8.37 -12.72 20.29
N VAL A 418 8.13 -13.13 21.54
CA VAL A 418 7.66 -14.47 21.87
C VAL A 418 6.19 -14.45 22.27
N GLY A 419 5.84 -13.59 23.22
CA GLY A 419 4.53 -13.67 23.83
C GLY A 419 3.40 -13.19 22.93
N PHE A 420 3.66 -12.20 22.08
CA PHE A 420 2.61 -11.72 21.18
C PHE A 420 2.22 -12.78 20.17
N GLY A 421 3.21 -13.44 19.55
CA GLY A 421 2.90 -14.54 18.67
C GLY A 421 2.20 -15.67 19.40
N ARG A 422 2.67 -15.99 20.61
CA ARG A 422 2.06 -17.04 21.40
C ARG A 422 0.62 -16.72 21.77
N ARG A 423 0.29 -15.43 21.96
CA ARG A 423 -1.10 -15.10 22.29
C ARG A 423 -1.99 -15.02 21.04
N THR A 424 -1.42 -14.72 19.87
CA THR A 424 -2.20 -14.62 18.64
C THR A 424 -2.49 -16.00 18.05
N ASP A 425 -1.52 -16.90 18.08
CA ASP A 425 -1.68 -18.29 17.63
C ASP A 425 -1.04 -19.20 18.66
N PRO A 426 -1.79 -19.55 19.72
CA PRO A 426 -1.22 -20.40 20.78
C PRO A 426 -0.63 -21.72 20.30
N ASN A 427 -1.19 -22.29 19.25
CA ASN A 427 -0.69 -23.57 18.74
C ASN A 427 0.57 -23.45 17.90
N GLY A 428 0.87 -22.26 17.36
CA GLY A 428 2.03 -22.10 16.52
C GLY A 428 1.88 -22.68 15.13
N ASP A 429 0.64 -22.93 14.68
CA ASP A 429 0.46 -23.36 13.29
C ASP A 429 1.02 -22.33 12.29
N TYR A 430 0.88 -21.03 12.61
CA TYR A 430 1.42 -19.99 11.74
C TYR A 430 2.93 -20.15 11.56
N ILE A 431 3.64 -20.51 12.62
CA ILE A 431 5.08 -20.73 12.57
C ILE A 431 5.41 -21.96 11.71
N ARG A 432 4.69 -23.06 11.94
CA ARG A 432 4.92 -24.29 11.17
C ARG A 432 4.63 -24.06 9.70
N ARG A 433 3.69 -23.18 9.39
CA ARG A 433 3.30 -22.91 8.00
C ARG A 433 4.41 -22.18 7.26
N TYR A 434 4.97 -21.10 7.84
CA TYR A 434 5.92 -20.29 7.08
C TYR A 434 7.37 -20.64 7.35
N LEU A 435 7.65 -21.35 8.45
CA LEU A 435 9.00 -21.83 8.77
C LEU A 435 8.92 -23.35 8.90
N PRO A 436 8.71 -24.07 7.79
CA PRO A 436 8.58 -25.54 7.90
C PRO A 436 9.78 -26.22 8.54
N VAL A 437 10.96 -25.59 8.55
CA VAL A 437 12.07 -26.20 9.24
C VAL A 437 11.75 -26.46 10.72
N LEU A 438 10.81 -25.70 11.29
CA LEU A 438 10.44 -25.76 12.69
C LEU A 438 9.19 -26.60 12.93
N ARG A 439 8.68 -27.27 11.89
CA ARG A 439 7.40 -27.96 11.98
C ARG A 439 7.40 -29.06 13.06
N GLY A 440 8.56 -29.66 13.36
CA GLY A 440 8.59 -30.74 14.35
C GLY A 440 8.53 -30.30 15.79
N PHE A 441 8.54 -28.98 16.08
CA PHE A 441 8.59 -28.51 17.46
C PHE A 441 7.20 -28.48 18.10
N PRO A 442 7.09 -28.89 19.35
CA PRO A 442 5.79 -28.81 20.04
C PRO A 442 5.43 -27.36 20.31
N ALA A 443 4.14 -27.15 20.64
CA ALA A 443 3.66 -25.81 20.88
C ALA A 443 4.36 -25.18 22.08
N LYS A 444 4.72 -25.98 23.08
CA LYS A 444 5.47 -25.48 24.23
C LYS A 444 6.70 -24.68 23.81
N TYR A 445 7.35 -25.05 22.72
CA TYR A 445 8.62 -24.46 22.37
C TYR A 445 8.63 -23.77 21.00
N ILE A 446 7.50 -23.73 20.30
CA ILE A 446 7.52 -23.34 18.89
C ILE A 446 7.92 -21.87 18.73
N TYR A 447 7.56 -21.01 19.68
CA TYR A 447 7.91 -19.60 19.65
C TYR A 447 9.22 -19.28 20.33
N ASP A 448 9.83 -20.22 21.04
CA ASP A 448 11.15 -20.01 21.67
C ASP A 448 11.94 -21.30 21.55
N PRO A 449 12.28 -21.71 20.32
CA PRO A 449 12.87 -23.05 20.13
C PRO A 449 14.24 -23.21 20.74
N TRP A 450 14.93 -22.11 21.07
CA TRP A 450 16.23 -22.20 21.72
C TRP A 450 16.12 -22.77 23.13
N ASN A 451 14.93 -22.77 23.73
CA ASN A 451 14.71 -23.35 25.05
C ASN A 451 14.34 -24.82 24.99
N ALA A 452 14.24 -25.39 23.81
CA ALA A 452 13.91 -26.81 23.68
C ALA A 452 15.13 -27.66 24.01
N PRO A 453 14.98 -28.69 24.85
CA PRO A 453 16.11 -29.59 25.12
C PRO A 453 16.56 -30.27 23.84
N GLU A 454 17.83 -30.71 23.85
CA GLU A 454 18.43 -31.29 22.65
C GLU A 454 17.61 -32.46 22.13
N GLY A 455 17.00 -33.24 23.03
CA GLY A 455 16.21 -34.39 22.59
C GLY A 455 14.97 -33.97 21.81
N ILE A 456 14.32 -32.89 22.25
CA ILE A 456 13.20 -32.34 21.48
C ILE A 456 13.69 -31.81 20.14
N GLN A 457 14.81 -31.09 20.16
CA GLN A 457 15.43 -30.64 18.90
C GLN A 457 15.79 -31.82 18.00
N LYS A 458 16.16 -32.96 18.58
CA LYS A 458 16.54 -34.12 17.78
C LYS A 458 15.34 -34.77 17.10
N VAL A 459 14.22 -34.86 17.82
CA VAL A 459 12.99 -35.40 17.23
C VAL A 459 12.44 -34.44 16.19
N ALA A 460 12.59 -33.14 16.43
CA ALA A 460 12.13 -32.15 15.46
C ALA A 460 13.03 -32.07 14.25
N LYS A 461 14.16 -32.77 14.26
CA LYS A 461 15.11 -32.76 13.15
C LYS A 461 15.53 -31.33 12.80
N CYS A 462 15.81 -30.55 13.84
CA CYS A 462 16.16 -29.14 13.69
C CYS A 462 17.05 -28.74 14.86
N LEU A 463 18.34 -28.58 14.59
CA LEU A 463 19.31 -28.19 15.62
C LEU A 463 19.39 -26.67 15.65
N ILE A 464 18.96 -26.07 16.77
CA ILE A 464 18.95 -24.61 16.86
C ILE A 464 20.38 -24.11 16.88
N GLY A 465 20.67 -23.10 16.07
CA GLY A 465 22.02 -22.69 15.78
C GLY A 465 22.64 -23.37 14.58
N VAL A 466 22.01 -24.43 14.06
CA VAL A 466 22.56 -25.16 12.91
C VAL A 466 21.58 -25.11 11.74
N ASN A 467 20.35 -25.59 11.94
CA ASN A 467 19.33 -25.58 10.90
C ASN A 467 18.38 -24.40 11.00
N TYR A 468 18.35 -23.71 12.13
CA TYR A 468 17.57 -22.50 12.31
C TYR A 468 18.39 -21.69 13.30
N PRO A 469 18.55 -20.40 13.08
CA PRO A 469 19.48 -19.62 13.91
C PRO A 469 19.00 -19.47 15.35
N LYS A 470 19.98 -19.26 16.23
CA LYS A 470 19.72 -18.81 17.59
C LYS A 470 19.20 -17.37 17.56
N PRO A 471 18.48 -16.94 18.59
CA PRO A 471 17.96 -15.56 18.58
C PRO A 471 19.11 -14.55 18.53
N MET A 472 18.94 -13.51 17.69
CA MET A 472 20.00 -12.54 17.45
C MET A 472 20.20 -11.57 18.61
N VAL A 473 19.20 -11.36 19.47
CA VAL A 473 19.35 -10.56 20.67
C VAL A 473 18.68 -11.25 21.85
N ASN A 474 19.05 -10.81 23.04
CA ASN A 474 18.33 -11.10 24.27
C ASN A 474 17.23 -10.05 24.41
N HIS A 475 15.97 -10.45 24.24
CA HIS A 475 14.91 -9.45 24.15
C HIS A 475 14.72 -8.73 25.48
N ALA A 476 14.72 -9.46 26.59
CA ALA A 476 14.46 -8.83 27.88
C ALA A 476 15.46 -7.73 28.16
N GLU A 477 16.72 -7.93 27.78
CA GLU A 477 17.74 -6.93 28.06
C GLU A 477 17.80 -5.85 26.99
N ALA A 478 17.61 -6.22 25.72
CA ALA A 478 17.64 -5.22 24.66
C ALA A 478 16.47 -4.26 24.79
N SER A 479 15.30 -4.77 25.18
CA SER A 479 14.14 -3.90 25.38
C SER A 479 14.32 -3.02 26.60
N ARG A 480 14.87 -3.57 27.70
CA ARG A 480 15.13 -2.75 28.88
C ARG A 480 16.06 -1.59 28.55
N LEU A 481 17.17 -1.87 27.87
CA LEU A 481 18.11 -0.82 27.51
C LEU A 481 17.46 0.20 26.57
N ASN A 482 16.70 -0.29 25.59
CA ASN A 482 16.09 0.58 24.58
C ASN A 482 15.08 1.53 25.19
N ILE A 483 14.23 1.02 26.08
CA ILE A 483 13.25 1.86 26.76
C ILE A 483 13.97 2.96 27.53
N GLU A 484 15.06 2.60 28.22
CA GLU A 484 15.87 3.57 28.93
C GLU A 484 16.40 4.65 28.00
N ARG A 485 17.04 4.24 26.90
CA ARG A 485 17.61 5.21 25.96
C ARG A 485 16.54 6.14 25.41
N MET A 486 15.36 5.62 25.08
CA MET A 486 14.30 6.48 24.58
C MET A 486 13.83 7.47 25.65
N LYS A 487 13.70 7.01 26.89
CA LYS A 487 13.27 7.88 27.98
C LYS A 487 14.18 9.08 28.14
N GLN A 488 15.49 8.88 28.02
CA GLN A 488 16.41 9.95 28.35
C GLN A 488 16.59 10.95 27.22
N ILE A 489 16.05 10.68 26.03
CA ILE A 489 16.00 11.67 24.97
C ILE A 489 15.16 12.86 25.40
N TYR A 490 14.14 12.61 26.23
CA TYR A 490 13.22 13.62 26.72
C TYR A 490 13.64 14.11 28.09
N GLN A 491 13.32 15.36 28.38
CA GLN A 491 13.50 15.89 29.74
C GLN A 491 12.63 15.10 30.71
N GLN A 492 13.25 14.52 31.73
CA GLN A 492 12.54 13.68 32.68
C GLN A 492 11.80 14.52 33.72
C10 DYR B . 4.08 -0.06 8.52
C13 DYR B . 2.47 -0.78 10.69
C15 DYR B . -1.18 0.14 10.75
C20 DYR B . -3.22 4.03 11.98
C21 DYR B . -2.52 4.49 13.06
C22 DYR B . -1.26 3.99 13.33
C01 DYR B . 0.90 0.50 5.01
C02 DYR B . 1.99 0.40 5.89
C03 DYR B . 1.78 0.03 7.23
C04 DYR B . 0.51 -0.22 7.70
C05 DYR B . -0.60 -0.13 6.81
C06 DYR B . -0.38 0.23 5.49
C08 DYR B . 1.88 -0.54 9.42
C09 DYR B . 2.68 -0.18 8.37
C11 DYR B . 4.65 -0.31 9.77
C12 DYR B . 3.84 -0.68 10.84
C14 DYR B . -0.56 -0.94 9.88
C18 DYR B . -1.44 2.54 11.39
C19 DYR B . -2.70 3.05 11.15
C23 DYR B . -0.73 3.02 12.48
C25 DYR B . -3.48 2.55 9.95
N07 DYR B . 0.58 -0.56 9.02
N17 DYR B . -0.84 1.53 10.53
N26 DYR B . -4.05 2.16 9.05
O16 DYR B . -1.94 -0.16 11.62
CL1 DYR B . 0.86 2.35 12.81
#